data_8RYC
#
_entry.id   8RYC
#
_cell.length_a   124.295
_cell.length_b   61.445
_cell.length_c   79.932
_cell.angle_alpha   90.00
_cell.angle_beta   117.49
_cell.angle_gamma   90.00
#
_symmetry.space_group_name_H-M   'C 1 2 1'
#
loop_
_entity.id
_entity.type
_entity.pdbx_description
1 polymer 'Transcriptional enhancer factor TEF-4'
2 non-polymer 5-phenylmethoxy-1~{H}-indole
3 non-polymer 'MYRISTIC ACID'
4 water water
#
_entity_poly.entity_id   1
_entity_poly.type   'polypeptide(L)'
_entity_poly.pdbx_seq_one_letter_code
;MAWQARGLGTARLQLVEFSAFVEPPDAVDSYQRHLFVHISQHCPSPGAPPLESVDVRQIYDKFPEKKGGLRELYDRGPPH
AFFLVKFWADLNWGPSGEEAGAGGSISSGGFYGVSSQYESLEHMTLTCSSKVCSFGKQVVEKVETERAQLEDGRFVYRLL
RSPMCEYLVNFLHKLRQLPERYMMNSVLENFTILQVVTNRDTQELLLCTAYVFEVSTSERGAQHHIYRLVRDVEHHHHHH
;
_entity_poly.pdbx_strand_id   A,B
#
# COMPACT_ATOMS: atom_id res chain seq x y z
N ARG A 6 18.06 2.09 26.16
CA ARG A 6 16.62 2.19 26.37
C ARG A 6 15.91 1.08 25.61
N GLY A 7 14.77 1.40 25.03
CA GLY A 7 14.10 0.48 24.12
C GLY A 7 13.65 1.23 22.90
N LEU A 8 12.78 0.61 22.10
CA LEU A 8 12.18 1.28 20.95
C LEU A 8 10.84 1.85 21.39
N GLY A 9 10.83 3.14 21.70
CA GLY A 9 9.64 3.80 22.21
C GLY A 9 9.99 5.16 22.74
N THR A 10 8.94 5.91 23.07
CA THR A 10 9.05 7.23 23.68
C THR A 10 8.22 7.22 24.97
N ALA A 11 8.15 8.36 25.64
CA ALA A 11 7.21 8.47 26.76
C ALA A 11 5.78 8.23 26.27
N ARG A 12 5.49 8.64 25.04
CA ARG A 12 4.13 8.61 24.52
C ARG A 12 3.73 7.27 23.90
N LEU A 13 4.68 6.50 23.35
CA LEU A 13 4.30 5.28 22.67
C LEU A 13 5.50 4.33 22.67
N GLN A 14 5.25 3.07 23.03
CA GLN A 14 6.31 2.09 23.14
C GLN A 14 5.95 0.89 22.28
N LEU A 15 6.90 0.44 21.46
CA LEU A 15 6.76 -0.86 20.81
C LEU A 15 6.88 -1.95 21.86
N VAL A 16 5.96 -2.91 21.82
CA VAL A 16 5.93 -3.99 22.78
C VAL A 16 6.35 -5.31 22.15
N GLU A 17 5.91 -5.57 20.93
CA GLU A 17 6.30 -6.76 20.19
C GLU A 17 6.11 -6.53 18.70
N PHE A 18 7.04 -7.05 17.92
CA PHE A 18 6.95 -6.98 16.47
C PHE A 18 7.47 -8.29 15.89
N SER A 19 6.73 -8.84 14.93
CA SER A 19 7.22 -10.03 14.26
C SER A 19 6.69 -10.09 12.83
N ALA A 20 7.46 -10.76 11.99
CA ALA A 20 7.06 -11.11 10.63
C ALA A 20 7.30 -12.60 10.49
N PHE A 21 6.28 -13.32 10.02
CA PHE A 21 6.28 -14.77 10.20
C PHE A 21 5.54 -15.43 9.04
N VAL A 22 5.66 -16.76 9.00
CA VAL A 22 4.87 -17.57 8.08
C VAL A 22 4.31 -18.76 8.84
N GLU A 23 3.06 -19.11 8.53
CA GLU A 23 2.38 -20.25 9.09
C GLU A 23 1.91 -21.18 7.98
N PRO A 24 1.98 -22.50 8.17
CA PRO A 24 1.48 -23.43 7.14
C PRO A 24 -0.04 -23.41 7.00
N GLN A 32 3.48 -25.10 13.41
CA GLN A 32 3.63 -23.89 14.22
C GLN A 32 4.04 -22.71 13.35
N ARG A 33 4.63 -21.69 13.97
CA ARG A 33 5.03 -20.47 13.29
C ARG A 33 6.53 -20.51 12.99
N HIS A 34 6.90 -19.91 11.87
CA HIS A 34 8.28 -19.50 11.65
C HIS A 34 8.35 -17.98 11.67
N LEU A 35 9.30 -17.44 12.43
CA LEU A 35 9.50 -16.01 12.55
C LEU A 35 10.71 -15.60 11.70
N PHE A 36 10.50 -14.68 10.77
CA PHE A 36 11.64 -14.16 10.01
C PHE A 36 12.42 -13.15 10.83
N VAL A 37 11.71 -12.31 11.57
CA VAL A 37 12.28 -11.32 12.46
C VAL A 37 11.34 -11.16 13.63
N HIS A 38 11.88 -10.74 14.77
CA HIS A 38 11.09 -10.66 16.00
C HIS A 38 11.76 -9.69 16.98
N ILE A 39 10.98 -8.72 17.47
CA ILE A 39 11.39 -7.88 18.59
C ILE A 39 10.42 -8.13 19.73
N SER A 40 10.95 -8.55 20.85
CA SER A 40 10.15 -8.66 22.02
C SER A 40 10.65 -7.62 22.95
N GLN A 41 9.74 -6.79 23.40
CA GLN A 41 10.12 -5.80 24.38
C GLN A 41 9.43 -6.01 25.70
N HIS A 42 8.59 -7.03 25.72
CA HIS A 42 8.38 -7.88 26.86
C HIS A 42 9.78 -8.31 27.36
N CYS A 43 10.76 -8.27 26.45
CA CYS A 43 12.15 -8.71 26.66
C CYS A 43 12.52 -9.27 28.03
N PRO A 44 12.40 -8.43 29.18
CA PRO A 44 12.37 -7.00 28.93
C PRO A 44 13.55 -6.25 29.53
N SER A 45 13.43 -5.98 30.81
CA SER A 45 14.37 -5.11 31.53
C SER A 45 15.80 -5.23 31.01
N PRO A 46 16.60 -4.18 31.15
CA PRO A 46 17.96 -4.20 30.59
C PRO A 46 18.99 -4.77 31.55
N GLY A 47 19.14 -4.12 32.69
CA GLY A 47 20.37 -4.18 33.44
C GLY A 47 21.41 -3.19 32.98
N ALA A 48 21.20 -2.57 31.80
CA ALA A 48 22.05 -1.60 31.10
C ALA A 48 22.11 -2.03 29.64
N PRO A 49 22.62 -1.19 28.73
CA PRO A 49 22.89 0.26 28.83
C PRO A 49 21.90 1.02 27.92
N PRO A 50 22.15 2.27 27.52
CA PRO A 50 21.27 2.93 26.56
C PRO A 50 21.61 2.50 25.14
N LEU A 51 20.75 2.90 24.22
CA LEU A 51 20.91 2.55 22.81
C LEU A 51 22.05 3.33 22.18
N GLU A 52 22.86 2.63 21.37
CA GLU A 52 23.83 3.29 20.51
C GLU A 52 23.11 4.21 19.53
N SER A 53 23.83 5.21 19.03
CA SER A 53 23.26 6.16 18.08
C SER A 53 23.91 6.00 16.71
N VAL A 54 23.12 6.25 15.67
CA VAL A 54 23.57 6.25 14.29
C VAL A 54 23.14 7.56 13.65
N ASP A 55 24.04 8.21 12.92
CA ASP A 55 23.69 9.48 12.32
C ASP A 55 22.70 9.26 11.18
N VAL A 56 21.51 9.82 11.31
CA VAL A 56 20.44 9.60 10.34
C VAL A 56 20.84 10.04 8.94
N ARG A 57 21.82 10.94 8.82
CA ARG A 57 22.26 11.39 7.51
C ARG A 57 22.86 10.25 6.69
N GLN A 58 23.52 9.30 7.35
CA GLN A 58 24.15 8.20 6.64
C GLN A 58 23.16 7.14 6.17
N ILE A 59 21.87 7.45 6.18
CA ILE A 59 20.85 6.54 5.67
C ILE A 59 19.73 7.29 4.96
N TYR A 60 19.92 8.58 4.68
CA TYR A 60 18.98 9.30 3.82
C TYR A 60 18.80 8.59 2.48
N ASP A 61 19.90 8.05 1.94
CA ASP A 61 19.89 7.50 0.60
C ASP A 61 19.17 6.16 0.51
N LYS A 62 18.93 5.50 1.65
CA LYS A 62 18.17 4.24 1.65
C LYS A 62 16.67 4.46 1.65
N PHE A 63 16.22 5.71 1.61
CA PHE A 63 14.82 6.05 1.57
C PHE A 63 14.63 7.24 0.65
N PRO A 64 13.43 7.42 0.11
CA PRO A 64 13.21 8.48 -0.88
C PRO A 64 13.38 9.86 -0.25
N GLU A 65 14.16 10.72 -0.92
CA GLU A 65 14.34 12.11 -0.52
C GLU A 65 13.14 12.97 -0.90
N LYS A 66 12.05 12.34 -1.36
CA LYS A 66 10.84 13.05 -1.73
C LYS A 66 10.11 13.55 -0.48
N LYS A 67 8.81 13.78 -0.59
CA LYS A 67 8.01 14.03 0.60
C LYS A 67 7.99 12.78 1.47
N GLY A 68 7.82 13.01 2.77
CA GLY A 68 7.77 11.90 3.73
C GLY A 68 9.04 11.09 3.76
N GLY A 69 10.08 11.56 3.07
CA GLY A 69 11.38 10.93 3.16
C GLY A 69 11.95 11.09 4.55
N LEU A 70 13.06 10.38 4.80
CA LEU A 70 13.70 10.45 6.11
C LEU A 70 14.06 11.90 6.46
N ARG A 71 14.75 12.59 5.56
CA ARG A 71 15.18 13.95 5.89
C ARG A 71 13.99 14.83 6.24
N GLU A 72 12.96 14.81 5.40
CA GLU A 72 11.77 15.61 5.67
C GLU A 72 11.21 15.28 7.05
N LEU A 73 10.94 14.00 7.29
CA LEU A 73 10.41 13.57 8.58
C LEU A 73 11.26 14.08 9.74
N TYR A 74 12.56 13.80 9.70
CA TYR A 74 13.42 14.17 10.82
C TYR A 74 13.46 15.67 11.02
N ASP A 75 13.35 16.45 9.95
CA ASP A 75 13.42 17.90 10.08
C ASP A 75 12.29 18.42 10.98
N ARG A 76 11.08 17.89 10.81
CA ARG A 76 9.96 18.34 11.62
C ARG A 76 10.11 17.90 13.07
N GLY A 77 10.56 16.68 13.30
CA GLY A 77 10.76 16.18 14.64
C GLY A 77 9.55 15.41 15.13
N PRO A 78 9.61 15.00 16.39
CA PRO A 78 10.67 15.25 17.36
C PRO A 78 11.78 14.25 17.13
N PRO A 79 13.04 14.66 17.27
CA PRO A 79 14.14 13.74 16.94
C PRO A 79 14.23 12.52 17.85
N HIS A 80 13.72 12.58 19.08
CA HIS A 80 13.75 11.41 19.96
C HIS A 80 12.79 10.31 19.54
N ALA A 81 11.96 10.54 18.50
CA ALA A 81 11.02 9.52 18.05
C ALA A 81 11.60 8.59 16.99
N PHE A 82 12.89 8.71 16.67
CA PHE A 82 13.46 8.12 15.45
C PHE A 82 14.44 7.01 15.79
N PHE A 83 14.17 5.81 15.28
CA PHE A 83 14.98 4.63 15.57
C PHE A 83 15.39 3.93 14.28
N LEU A 84 16.51 3.23 14.34
CA LEU A 84 16.95 2.33 13.29
C LEU A 84 17.08 0.92 13.85
N VAL A 85 16.48 -0.05 13.19
CA VAL A 85 16.59 -1.45 13.55
C VAL A 85 17.34 -2.18 12.44
N LYS A 86 18.42 -2.87 12.81
CA LYS A 86 19.06 -3.81 11.90
C LYS A 86 18.62 -5.22 12.28
N PHE A 87 18.06 -5.92 11.29
CA PHE A 87 17.57 -7.29 11.43
C PHE A 87 18.54 -8.25 10.75
N TRP A 88 18.91 -9.32 11.46
CA TRP A 88 19.44 -10.53 10.81
C TRP A 88 18.29 -11.53 10.75
N ALA A 89 17.75 -11.75 9.55
CA ALA A 89 16.50 -12.49 9.41
C ALA A 89 16.75 -13.98 9.21
N ASP A 90 15.77 -14.79 9.63
CA ASP A 90 15.83 -16.25 9.51
C ASP A 90 14.93 -16.67 8.35
N LEU A 91 15.54 -17.04 7.22
CA LEU A 91 14.82 -17.45 6.01
C LEU A 91 14.94 -18.95 5.74
N ASN A 92 15.10 -19.79 6.76
CA ASN A 92 15.16 -21.24 6.58
CA ASN A 92 15.15 -21.24 6.57
C ASN A 92 13.85 -21.81 7.10
N TRP A 93 13.01 -22.30 6.20
CA TRP A 93 11.70 -22.86 6.54
C TRP A 93 11.17 -23.58 5.31
N GLY A 109 2.67 -22.72 0.29
CA GLY A 109 2.25 -21.34 0.52
C GLY A 109 1.30 -21.16 1.69
N GLY A 110 1.84 -20.89 2.87
CA GLY A 110 1.06 -20.70 4.08
C GLY A 110 0.55 -19.29 4.23
N PHE A 111 0.40 -18.86 5.47
CA PHE A 111 -0.07 -17.50 5.77
C PHE A 111 1.11 -16.66 6.21
N TYR A 112 1.45 -15.67 5.40
CA TYR A 112 2.52 -14.74 5.72
C TYR A 112 1.93 -13.53 6.43
N GLY A 113 2.45 -13.22 7.61
CA GLY A 113 1.84 -12.23 8.47
C GLY A 113 2.87 -11.34 9.12
N VAL A 114 2.40 -10.15 9.49
CA VAL A 114 3.09 -9.21 10.34
C VAL A 114 2.22 -8.97 11.57
N SER A 115 2.84 -8.82 12.73
CA SER A 115 2.12 -8.51 13.96
C SER A 115 2.87 -7.41 14.70
N SER A 116 2.14 -6.36 15.08
CA SER A 116 2.69 -5.26 15.87
C SER A 116 1.83 -5.01 17.09
N GLN A 117 2.50 -4.72 18.21
CA GLN A 117 1.81 -4.30 19.42
C GLN A 117 2.57 -3.11 20.00
N TYR A 118 1.84 -2.01 20.21
CA TYR A 118 2.31 -0.85 20.95
C TYR A 118 1.48 -0.68 22.22
N GLU A 119 1.95 0.20 23.08
CA GLU A 119 1.25 0.50 24.32
C GLU A 119 1.58 1.94 24.71
N SER A 120 0.67 2.55 25.48
CA SER A 120 0.86 3.90 25.97
C SER A 120 -0.08 4.14 27.14
N LEU A 121 0.16 5.25 27.83
CA LEU A 121 -0.71 5.67 28.91
C LEU A 121 -1.84 6.60 28.45
N GLU A 122 -1.72 7.20 27.27
CA GLU A 122 -2.77 8.06 26.76
C GLU A 122 -3.64 7.28 25.78
N HIS A 123 -4.90 7.70 25.67
CA HIS A 123 -5.83 7.10 24.71
C HIS A 123 -5.68 7.80 23.36
N MET A 124 -5.43 7.01 22.32
CA MET A 124 -5.06 7.52 21.00
C MET A 124 -5.66 6.60 19.95
N THR A 125 -5.82 7.13 18.73
CA THR A 125 -5.90 6.30 17.54
C THR A 125 -4.62 6.50 16.72
N LEU A 126 -4.02 5.39 16.28
CA LEU A 126 -2.76 5.42 15.55
C LEU A 126 -2.98 5.31 14.04
N THR A 127 -2.15 6.02 13.28
CA THR A 127 -1.98 5.79 11.85
C THR A 127 -0.60 5.19 11.65
N CYS A 128 -0.54 3.97 11.15
CA CYS A 128 0.72 3.23 11.01
C CYS A 128 1.04 3.10 9.53
N SER A 129 2.11 3.75 9.10
CA SER A 129 2.52 3.66 7.70
C SER A 129 3.80 2.84 7.61
N SER A 130 3.80 1.83 6.73
CA SER A 130 4.99 1.08 6.36
C SER A 130 5.29 1.37 4.89
N LYS A 131 6.53 1.74 4.59
CA LYS A 131 6.97 2.00 3.22
C LYS A 131 8.09 1.03 2.90
N VAL A 132 7.83 0.08 2.00
CA VAL A 132 8.88 -0.81 1.51
C VAL A 132 9.65 -0.09 0.41
N CYS A 133 10.98 -0.12 0.51
CA CYS A 133 11.85 0.60 -0.41
C CYS A 133 12.87 -0.35 -1.04
N SER A 134 13.05 -0.18 -2.35
CA SER A 134 14.03 -0.91 -3.14
C SER A 134 14.90 0.12 -3.82
N PHE A 135 16.21 0.07 -3.53
CA PHE A 135 17.15 1.08 -4.02
C PHE A 135 16.65 2.49 -3.72
N GLY A 136 16.16 2.70 -2.50
CA GLY A 136 15.73 4.00 -2.06
C GLY A 136 14.43 4.50 -2.67
N LYS A 137 13.76 3.70 -3.48
CA LYS A 137 12.49 4.04 -4.09
C LYS A 137 11.39 3.25 -3.39
N GLN A 138 10.25 3.88 -3.13
CA GLN A 138 9.15 3.16 -2.49
C GLN A 138 8.47 2.25 -3.51
N VAL A 139 8.36 0.98 -3.17
CA VAL A 139 7.62 0.03 -3.99
C VAL A 139 6.29 -0.37 -3.36
N VAL A 140 6.11 -0.16 -2.06
CA VAL A 140 4.83 -0.40 -1.40
C VAL A 140 4.66 0.65 -0.32
N GLU A 141 3.46 1.22 -0.21
CA GLU A 141 3.06 1.88 1.03
C GLU A 141 1.81 1.20 1.55
N LYS A 142 1.84 0.85 2.84
CA LYS A 142 0.80 0.16 3.58
C LYS A 142 0.38 1.08 4.72
N VAL A 143 -0.89 1.43 4.80
CA VAL A 143 -1.38 2.32 5.84
C VAL A 143 -2.51 1.64 6.58
N GLU A 144 -2.38 1.52 7.90
CA GLU A 144 -3.38 0.92 8.76
C GLU A 144 -3.76 1.88 9.89
N THR A 145 -4.92 1.63 10.46
CA THR A 145 -5.40 2.42 11.58
C THR A 145 -5.76 1.48 12.72
N GLU A 146 -5.46 1.90 13.95
CA GLU A 146 -5.67 1.07 15.13
C GLU A 146 -6.05 1.94 16.31
N ARG A 147 -7.21 1.64 16.91
CA ARG A 147 -7.71 2.41 18.04
C ARG A 147 -7.22 1.80 19.35
N ALA A 148 -6.93 2.67 20.31
CA ALA A 148 -6.46 2.23 21.61
C ALA A 148 -7.45 1.28 22.27
N GLN A 149 -6.94 0.36 23.05
CA GLN A 149 -7.74 -0.58 23.78
C GLN A 149 -7.25 -0.67 25.22
N LEU A 150 -8.15 -0.50 26.18
CA LEU A 150 -7.77 -0.47 27.59
C LEU A 150 -7.48 -1.88 28.10
N GLU A 151 -6.33 -2.05 28.74
CA GLU A 151 -5.90 -3.34 29.25
C GLU A 151 -4.89 -3.13 30.36
N ASP A 152 -5.17 -3.69 31.54
CA ASP A 152 -4.21 -3.72 32.63
C ASP A 152 -3.76 -2.32 33.00
N GLY A 153 -4.72 -1.38 33.04
CA GLY A 153 -4.39 -0.02 33.38
C GLY A 153 -3.47 0.68 32.39
N ARG A 154 -3.41 0.20 31.15
CA ARG A 154 -2.70 0.91 30.09
C ARG A 154 -3.45 0.69 28.78
N PHE A 155 -3.06 1.46 27.77
CA PHE A 155 -3.67 1.32 26.46
C PHE A 155 -2.75 0.50 25.56
N VAL A 156 -3.34 -0.44 24.83
CA VAL A 156 -2.58 -1.30 23.92
C VAL A 156 -3.14 -1.15 22.52
N TYR A 157 -2.26 -1.23 21.53
CA TYR A 157 -2.62 -1.10 20.13
C TYR A 157 -2.17 -2.37 19.42
N ARG A 158 -3.12 -3.22 19.07
CA ARG A 158 -2.81 -4.53 18.52
C ARG A 158 -3.14 -4.55 17.03
N LEU A 159 -2.09 -4.64 16.22
CA LEU A 159 -2.21 -4.83 14.77
C LEU A 159 -1.68 -6.24 14.50
N LEU A 160 -2.53 -7.24 14.70
CA LEU A 160 -2.10 -8.62 14.68
C LEU A 160 -2.48 -9.30 13.37
N ARG A 161 -1.56 -10.07 12.82
CA ARG A 161 -1.89 -10.97 11.73
C ARG A 161 -2.30 -10.21 10.48
N SER A 162 -1.74 -9.04 10.32
CA SER A 162 -1.94 -8.26 9.11
C SER A 162 -1.26 -8.98 7.95
N PRO A 163 -2.00 -9.37 6.91
CA PRO A 163 -1.38 -10.10 5.77
C PRO A 163 -0.23 -9.33 5.15
N MET A 164 0.88 -10.00 4.98
CA MET A 164 2.07 -9.31 4.49
C MET A 164 1.86 -9.10 3.01
N CYS A 165 2.26 -7.93 2.52
CA CYS A 165 1.90 -7.58 1.16
C CYS A 165 2.50 -8.57 0.17
N GLU A 166 1.84 -8.68 -0.98
CA GLU A 166 2.20 -9.67 -1.98
C GLU A 166 3.65 -9.51 -2.43
N TYR A 167 4.11 -8.27 -2.61
CA TYR A 167 5.45 -8.05 -3.10
C TYR A 167 6.47 -8.67 -2.15
N LEU A 168 6.23 -8.56 -0.84
CA LEU A 168 7.13 -9.13 0.16
C LEU A 168 7.06 -10.65 0.15
N VAL A 169 5.87 -11.22 -0.02
CA VAL A 169 5.77 -12.67 -0.13
C VAL A 169 6.61 -13.17 -1.30
N ASN A 170 6.39 -12.59 -2.49
CA ASN A 170 7.13 -13.03 -3.68
C ASN A 170 8.62 -12.83 -3.51
N PHE A 171 9.01 -11.65 -3.02
CA PHE A 171 10.42 -11.36 -2.71
C PHE A 171 11.01 -12.42 -1.78
N LEU A 172 10.30 -12.74 -0.69
CA LEU A 172 10.79 -13.75 0.25
C LEU A 172 10.94 -15.11 -0.43
N HIS A 173 10.01 -15.48 -1.31
CA HIS A 173 10.14 -16.78 -1.95
CA HIS A 173 10.10 -16.76 -2.00
C HIS A 173 11.33 -16.82 -2.90
N LYS A 174 11.68 -15.70 -3.53
CA LYS A 174 12.88 -15.65 -4.35
C LYS A 174 14.13 -15.60 -3.49
N LEU A 175 14.07 -14.87 -2.37
CA LEU A 175 15.25 -14.71 -1.54
C LEU A 175 15.70 -16.03 -0.94
N ARG A 176 14.75 -16.84 -0.48
CA ARG A 176 15.10 -18.13 0.10
C ARG A 176 15.71 -19.07 -0.94
N GLN A 177 15.61 -18.73 -2.23
CA GLN A 177 16.20 -19.57 -3.28
C GLN A 177 17.72 -19.43 -3.35
N LEU A 178 18.24 -18.24 -3.07
CA LEU A 178 19.64 -17.99 -3.32
C LEU A 178 20.50 -19.03 -2.60
N PRO A 179 21.53 -19.54 -3.26
CA PRO A 179 22.32 -20.65 -2.68
C PRO A 179 23.25 -20.25 -1.56
N GLU A 180 23.52 -18.96 -1.36
CA GLU A 180 24.55 -18.51 -0.44
C GLU A 180 24.02 -17.37 0.39
N ARG A 181 24.27 -17.42 1.70
CA ARG A 181 23.85 -16.34 2.58
C ARG A 181 24.41 -15.00 2.13
N TYR A 182 25.65 -14.97 1.63
CA TYR A 182 26.24 -13.69 1.25
C TYR A 182 25.53 -13.10 0.04
N MET A 183 24.93 -13.95 -0.80
CA MET A 183 24.16 -13.43 -1.92
C MET A 183 22.84 -12.83 -1.41
N MET A 184 22.19 -13.47 -0.45
CA MET A 184 21.04 -12.82 0.19
C MET A 184 21.42 -11.47 0.77
N ASN A 185 22.55 -11.40 1.47
CA ASN A 185 23.00 -10.12 1.99
C ASN A 185 23.19 -9.09 0.89
N SER A 186 23.85 -9.49 -0.22
CA SER A 186 24.02 -8.55 -1.33
C SER A 186 22.67 -8.03 -1.80
N VAL A 187 21.72 -8.93 -2.00
CA VAL A 187 20.41 -8.50 -2.46
C VAL A 187 19.76 -7.60 -1.42
N LEU A 188 19.93 -7.92 -0.13
CA LEU A 188 19.23 -7.16 0.90
C LEU A 188 19.86 -5.80 1.16
N GLU A 189 21.09 -5.56 0.72
CA GLU A 189 21.69 -4.26 0.98
C GLU A 189 20.90 -3.11 0.35
N ASN A 190 20.08 -3.38 -0.67
CA ASN A 190 19.26 -2.33 -1.28
C ASN A 190 17.78 -2.42 -0.90
N PHE A 191 17.45 -3.09 0.18
CA PHE A 191 16.07 -3.29 0.60
C PHE A 191 15.88 -2.69 2.00
N THR A 192 14.91 -1.79 2.14
CA THR A 192 14.66 -1.14 3.43
C THR A 192 13.18 -0.98 3.67
N ILE A 193 12.83 -0.77 4.93
CA ILE A 193 11.46 -0.47 5.34
C ILE A 193 11.47 0.75 6.25
N LEU A 194 10.49 1.63 6.08
CA LEU A 194 10.31 2.80 6.92
C LEU A 194 8.91 2.76 7.50
N GLN A 195 8.81 2.73 8.83
CA GLN A 195 7.55 2.64 9.53
C GLN A 195 7.31 3.93 10.30
N VAL A 196 6.21 4.61 10.00
CA VAL A 196 5.86 5.87 10.62
C VAL A 196 4.54 5.70 11.33
N VAL A 197 4.53 5.92 12.65
CA VAL A 197 3.36 5.87 13.50
C VAL A 197 3.05 7.28 13.94
N THR A 198 1.85 7.76 13.65
CA THR A 198 1.43 9.11 14.00
C THR A 198 0.14 9.05 14.79
N ASN A 199 -0.11 10.07 15.59
CA ASN A 199 -1.41 10.23 16.25
C ASN A 199 -2.44 10.62 15.22
N ARG A 200 -3.38 9.73 14.91
CA ARG A 200 -4.37 10.01 13.87
C ARG A 200 -5.07 11.34 14.12
N ASP A 201 -5.57 11.56 15.35
CA ASP A 201 -6.32 12.79 15.61
C ASP A 201 -5.47 14.02 15.35
N THR A 202 -4.28 14.08 15.94
CA THR A 202 -3.48 15.30 16.01
C THR A 202 -2.41 15.44 14.92
N GLN A 203 -2.07 14.36 14.21
CA GLN A 203 -1.03 14.37 13.18
C GLN A 203 0.39 14.37 13.74
N GLU A 204 0.55 14.34 15.07
CA GLU A 204 1.86 14.24 15.68
C GLU A 204 2.55 12.92 15.32
N LEU A 205 3.81 13.01 14.93
CA LEU A 205 4.62 11.81 14.76
C LEU A 205 4.88 11.20 16.13
N LEU A 206 4.63 9.90 16.25
CA LEU A 206 4.86 9.19 17.50
C LEU A 206 6.13 8.35 17.49
N LEU A 207 6.30 7.56 16.42
CA LEU A 207 7.48 6.73 16.23
C LEU A 207 7.77 6.68 14.74
N CYS A 208 9.05 6.76 14.40
CA CYS A 208 9.52 6.52 13.03
C CYS A 208 10.69 5.55 13.08
N THR A 209 10.53 4.36 12.50
CA THR A 209 11.58 3.34 12.53
C THR A 209 12.01 2.93 11.13
N ALA A 210 13.31 3.03 10.87
CA ALA A 210 13.95 2.51 9.67
C ALA A 210 14.47 1.10 9.93
N TYR A 211 14.24 0.20 8.98
CA TYR A 211 14.68 -1.19 9.06
C TYR A 211 15.64 -1.50 7.93
N VAL A 212 16.78 -2.12 8.27
CA VAL A 212 17.72 -2.68 7.30
C VAL A 212 17.93 -4.15 7.63
N PHE A 213 18.46 -4.90 6.65
CA PHE A 213 18.35 -6.34 6.70
C PHE A 213 19.64 -7.02 6.23
N GLU A 214 20.03 -8.04 6.99
CA GLU A 214 20.91 -9.10 6.50
C GLU A 214 20.21 -10.42 6.83
N VAL A 215 20.85 -11.56 6.60
CA VAL A 215 20.27 -12.84 6.99
C VAL A 215 21.13 -13.44 8.10
N SER A 216 20.50 -14.25 8.94
CA SER A 216 21.22 -15.06 9.92
C SER A 216 21.19 -16.52 9.49
N THR A 217 21.91 -17.34 10.22
CA THR A 217 21.80 -18.77 10.01
C THR A 217 20.63 -19.33 10.82
N SER A 218 20.15 -20.49 10.38
CA SER A 218 19.17 -21.21 11.17
C SER A 218 19.73 -21.57 12.54
N GLU A 219 21.05 -21.79 12.61
CA GLU A 219 21.68 -22.16 13.88
C GLU A 219 21.67 -20.99 14.88
N ARG A 220 21.94 -19.77 14.40
CA ARG A 220 22.05 -18.60 15.26
C ARG A 220 20.69 -18.01 15.59
N GLY A 221 19.73 -18.18 14.69
CA GLY A 221 18.40 -17.64 14.88
C GLY A 221 18.34 -16.17 14.54
N ALA A 222 17.13 -15.64 14.36
CA ALA A 222 16.97 -14.23 14.03
C ALA A 222 17.46 -13.35 15.17
N GLN A 223 17.88 -12.14 14.81
CA GLN A 223 18.41 -11.24 15.82
C GLN A 223 18.17 -9.82 15.34
N HIS A 224 18.38 -8.87 16.23
CA HIS A 224 18.18 -7.49 15.86
C HIS A 224 19.04 -6.62 16.76
N HIS A 225 19.27 -5.39 16.32
N HIS A 225 19.26 -5.39 16.30
CA HIS A 225 19.85 -4.43 17.23
CA HIS A 225 19.97 -4.36 17.04
C HIS A 225 19.32 -3.06 16.88
C HIS A 225 19.21 -3.06 16.81
N ILE A 226 18.80 -2.41 17.89
CA ILE A 226 18.07 -1.16 17.78
C ILE A 226 19.03 -0.01 18.05
N TYR A 227 18.99 1.02 17.21
CA TYR A 227 19.75 2.23 17.49
C TYR A 227 18.82 3.45 17.55
N ARG A 228 19.32 4.51 18.17
CA ARG A 228 18.72 5.82 18.03
C ARG A 228 19.30 6.52 16.81
N LEU A 229 18.45 7.24 16.08
CA LEU A 229 18.91 8.05 14.97
C LEU A 229 19.10 9.47 15.47
N VAL A 230 20.29 10.01 15.29
CA VAL A 230 20.67 11.31 15.82
C VAL A 230 21.23 12.17 14.68
N ARG A 231 21.37 13.46 14.98
CA ARG A 231 21.89 14.43 14.00
C ARG A 231 22.32 15.73 14.70
N ALA B 2 -28.44 -11.35 -17.31
CA ALA B 2 -28.98 -12.57 -16.71
C ALA B 2 -28.34 -12.86 -15.35
N TRP B 3 -28.22 -11.81 -14.54
CA TRP B 3 -27.45 -11.77 -13.30
C TRP B 3 -26.10 -11.11 -13.55
N GLN B 4 -25.90 -10.68 -14.80
CA GLN B 4 -24.65 -10.06 -15.21
C GLN B 4 -24.63 -8.58 -14.86
N ALA B 5 -23.42 -8.07 -14.60
CA ALA B 5 -23.28 -6.71 -14.09
C ALA B 5 -23.72 -5.67 -15.12
N ARG B 6 -24.38 -4.62 -14.62
CA ARG B 6 -24.71 -3.44 -15.42
C ARG B 6 -23.73 -2.30 -15.21
N GLY B 7 -23.00 -2.30 -14.10
CA GLY B 7 -21.99 -1.30 -13.83
C GLY B 7 -20.82 -1.91 -13.08
N LEU B 8 -19.87 -1.08 -12.65
CA LEU B 8 -18.70 -1.57 -11.94
C LEU B 8 -19.08 -1.81 -10.47
N GLY B 9 -19.43 -3.06 -10.16
CA GLY B 9 -19.71 -3.45 -8.79
C GLY B 9 -20.37 -4.81 -8.74
N THR B 10 -20.57 -5.29 -7.51
CA THR B 10 -21.33 -6.49 -7.23
C THR B 10 -22.48 -6.12 -6.29
N ALA B 11 -23.29 -7.12 -5.90
CA ALA B 11 -24.30 -6.88 -4.89
C ALA B 11 -23.68 -6.49 -3.54
N ARG B 12 -22.44 -6.90 -3.28
CA ARG B 12 -21.83 -6.61 -1.98
C ARG B 12 -21.06 -5.30 -1.97
N LEU B 13 -20.60 -4.81 -3.12
CA LEU B 13 -19.79 -3.59 -3.13
C LEU B 13 -19.83 -2.93 -4.50
N GLN B 14 -20.25 -1.68 -4.53
CA GLN B 14 -20.46 -0.92 -5.76
C GLN B 14 -19.54 0.29 -5.75
N LEU B 15 -18.84 0.51 -6.86
CA LEU B 15 -18.15 1.78 -7.06
C LEU B 15 -19.18 2.88 -7.30
N VAL B 16 -19.02 3.98 -6.56
CA VAL B 16 -19.85 5.16 -6.79
C VAL B 16 -19.14 6.18 -7.63
N GLU B 17 -17.91 6.51 -7.23
CA GLU B 17 -17.12 7.49 -7.98
C GLU B 17 -15.65 7.13 -7.84
N PHE B 18 -14.88 7.46 -8.88
CA PHE B 18 -13.44 7.29 -8.86
C PHE B 18 -12.84 8.39 -9.72
N SER B 19 -11.74 8.97 -9.27
CA SER B 19 -11.11 9.94 -10.14
C SER B 19 -9.68 10.17 -9.72
N ALA B 20 -8.87 10.53 -10.71
CA ALA B 20 -7.50 11.00 -10.53
C ALA B 20 -7.42 12.41 -11.10
N PHE B 21 -6.77 13.32 -10.38
CA PHE B 21 -6.91 14.70 -10.73
C PHE B 21 -5.69 15.47 -10.30
N VAL B 22 -5.61 16.71 -10.72
CA VAL B 22 -4.57 17.60 -10.25
C VAL B 22 -5.19 18.96 -9.98
N GLU B 23 -4.87 19.53 -8.82
CA GLU B 23 -5.29 20.90 -8.51
C GLU B 23 -4.11 21.82 -8.66
N PRO B 24 -4.16 22.83 -9.54
CA PRO B 24 -3.01 23.72 -9.73
C PRO B 24 -2.76 24.55 -8.48
N PRO B 25 -1.54 25.08 -8.31
CA PRO B 25 -1.27 25.90 -7.12
C PRO B 25 -2.20 27.09 -7.01
N ASP B 26 -2.62 27.67 -8.15
CA ASP B 26 -3.58 28.75 -8.12
C ASP B 26 -4.94 28.32 -7.57
N ALA B 27 -5.13 27.01 -7.33
CA ALA B 27 -6.43 26.51 -6.92
C ALA B 27 -6.91 27.11 -5.61
N VAL B 28 -6.00 27.66 -4.80
CA VAL B 28 -6.41 28.26 -3.53
C VAL B 28 -6.98 29.67 -3.71
N ASP B 29 -6.75 30.30 -4.86
CA ASP B 29 -7.32 31.62 -5.17
C ASP B 29 -8.61 31.50 -5.97
N SER B 30 -8.54 30.89 -7.15
CA SER B 30 -9.72 30.47 -7.90
C SER B 30 -9.65 28.96 -8.07
N TYR B 31 -10.60 28.25 -7.48
CA TYR B 31 -10.47 26.80 -7.43
C TYR B 31 -10.73 26.18 -8.80
N GLN B 32 -9.95 25.15 -9.12
CA GLN B 32 -10.17 24.33 -10.29
C GLN B 32 -9.40 23.03 -10.12
N ARG B 33 -9.91 21.97 -10.74
CA ARG B 33 -9.18 20.71 -10.80
C ARG B 33 -9.33 20.14 -12.20
N HIS B 34 -8.26 19.51 -12.66
CA HIS B 34 -8.24 18.80 -13.93
C HIS B 34 -8.36 17.31 -13.65
N LEU B 35 -9.27 16.65 -14.35
CA LEU B 35 -9.50 15.23 -14.19
C LEU B 35 -8.72 14.47 -15.26
N PHE B 36 -7.77 13.64 -14.82
CA PHE B 36 -7.09 12.74 -15.76
C PHE B 36 -8.05 11.65 -16.20
N VAL B 37 -8.78 11.05 -15.25
CA VAL B 37 -9.77 10.02 -15.50
C VAL B 37 -10.86 10.16 -14.46
N HIS B 38 -12.05 9.66 -14.79
CA HIS B 38 -13.20 9.85 -13.91
C HIS B 38 -14.27 8.83 -14.24
N ILE B 39 -14.77 8.13 -13.23
CA ILE B 39 -15.94 7.29 -13.33
C ILE B 39 -16.97 7.75 -12.31
N SER B 40 -18.16 8.10 -12.77
CA SER B 40 -19.25 8.46 -11.90
C SER B 40 -20.41 7.52 -12.18
N GLN B 41 -20.79 6.72 -11.19
CA GLN B 41 -21.90 5.79 -11.29
C GLN B 41 -23.05 6.20 -10.38
N HIS B 42 -23.23 7.49 -10.18
CA HIS B 42 -24.28 8.02 -9.31
C HIS B 42 -25.68 7.67 -9.81
N CYS B 43 -25.81 6.55 -10.54
CA CYS B 43 -27.08 6.19 -11.15
C CYS B 43 -27.21 4.68 -11.23
N PRO B 44 -28.43 4.14 -11.13
CA PRO B 44 -28.67 2.73 -11.43
C PRO B 44 -28.91 2.50 -12.91
N SER B 45 -29.68 3.41 -13.51
CA SER B 45 -30.05 3.35 -14.93
C SER B 45 -30.92 2.12 -15.20
N PRO B 46 -32.24 2.27 -15.19
CA PRO B 46 -33.12 1.11 -15.41
C PRO B 46 -33.06 0.57 -16.83
N GLY B 47 -33.78 -0.53 -17.08
CA GLY B 47 -33.84 -1.17 -18.38
C GLY B 47 -32.51 -1.40 -19.09
N ALA B 48 -31.41 -1.06 -18.42
CA ALA B 48 -30.11 -1.00 -19.09
C ALA B 48 -29.55 -2.40 -19.35
N PRO B 49 -28.71 -2.55 -20.38
CA PRO B 49 -28.23 -3.87 -20.76
C PRO B 49 -26.98 -4.22 -19.97
N PRO B 50 -26.52 -5.46 -20.07
CA PRO B 50 -25.28 -5.83 -19.37
C PRO B 50 -24.06 -5.18 -20.02
N LEU B 51 -22.98 -5.13 -19.26
CA LEU B 51 -21.74 -4.62 -19.79
C LEU B 51 -21.16 -5.61 -20.80
N GLU B 52 -20.32 -5.10 -21.69
CA GLU B 52 -19.61 -6.00 -22.59
C GLU B 52 -18.57 -6.80 -21.82
N SER B 53 -18.13 -7.90 -22.41
CA SER B 53 -17.23 -8.84 -21.76
C SER B 53 -15.89 -8.85 -22.48
N VAL B 54 -14.83 -9.05 -21.71
CA VAL B 54 -13.48 -9.26 -22.23
C VAL B 54 -12.92 -10.47 -21.52
N ASP B 55 -12.25 -11.34 -22.26
CA ASP B 55 -11.75 -12.58 -21.67
C ASP B 55 -10.48 -12.29 -20.87
N VAL B 56 -10.49 -12.67 -19.59
CA VAL B 56 -9.37 -12.35 -18.70
C VAL B 56 -8.05 -12.92 -19.20
N ARG B 57 -8.09 -13.92 -20.09
CA ARG B 57 -6.84 -14.53 -20.56
C ARG B 57 -6.05 -13.56 -21.43
N GLN B 58 -6.74 -12.75 -22.21
CA GLN B 58 -6.10 -11.78 -23.10
C GLN B 58 -5.26 -10.73 -22.37
N ILE B 59 -5.41 -10.58 -21.06
CA ILE B 59 -4.71 -9.51 -20.36
C ILE B 59 -3.82 -10.02 -19.24
N TYR B 60 -3.66 -11.34 -19.08
CA TYR B 60 -2.72 -11.84 -18.08
C TYR B 60 -1.37 -11.18 -18.26
N ASP B 61 -0.88 -11.11 -19.51
CA ASP B 61 0.31 -10.39 -19.93
C ASP B 61 0.58 -9.10 -19.18
N LYS B 62 -0.45 -8.28 -18.98
CA LYS B 62 -0.24 -6.91 -18.57
C LYS B 62 -0.22 -6.72 -17.05
N PHE B 63 -0.27 -7.80 -16.28
CA PHE B 63 -0.19 -7.64 -14.84
C PHE B 63 0.74 -8.70 -14.26
N PRO B 64 1.07 -8.63 -12.97
CA PRO B 64 2.08 -9.54 -12.42
C PRO B 64 1.62 -10.99 -12.47
N GLU B 65 2.54 -11.89 -12.16
CA GLU B 65 2.19 -13.29 -11.98
C GLU B 65 2.62 -13.76 -10.60
N LYS B 66 2.15 -14.95 -10.23
CA LYS B 66 2.24 -15.41 -8.85
C LYS B 66 1.29 -14.58 -7.99
N LYS B 67 1.65 -14.38 -6.72
CA LYS B 67 0.72 -13.80 -5.75
C LYS B 67 0.27 -12.42 -6.19
N GLY B 68 -1.03 -12.17 -6.07
CA GLY B 68 -1.56 -10.87 -6.41
C GLY B 68 -1.66 -10.58 -7.89
N GLY B 69 -1.48 -11.61 -8.73
CA GLY B 69 -1.65 -11.48 -10.15
C GLY B 69 -3.03 -11.90 -10.61
N LEU B 70 -3.42 -11.40 -11.79
CA LEU B 70 -4.74 -11.66 -12.35
C LEU B 70 -5.10 -13.13 -12.34
N ARG B 71 -4.16 -13.99 -12.72
CA ARG B 71 -4.46 -15.41 -12.88
C ARG B 71 -4.91 -16.02 -11.56
N GLU B 72 -4.10 -15.86 -10.52
CA GLU B 72 -4.41 -16.45 -9.22
C GLU B 72 -5.64 -15.80 -8.60
N LEU B 73 -5.69 -14.47 -8.59
CA LEU B 73 -6.88 -13.76 -8.11
C LEU B 73 -8.15 -14.30 -8.76
N TYR B 74 -8.15 -14.36 -10.10
CA TYR B 74 -9.31 -14.91 -10.79
C TYR B 74 -9.57 -16.36 -10.38
N ASP B 75 -8.52 -17.16 -10.25
CA ASP B 75 -8.68 -18.52 -9.75
C ASP B 75 -9.41 -18.53 -8.40
N ARG B 76 -9.06 -17.58 -7.53
CA ARG B 76 -9.68 -17.49 -6.21
C ARG B 76 -11.13 -17.02 -6.28
N GLY B 77 -11.46 -16.23 -7.31
CA GLY B 77 -12.81 -15.76 -7.48
C GLY B 77 -13.24 -14.80 -6.39
N PRO B 78 -14.50 -14.37 -6.41
CA PRO B 78 -15.57 -14.79 -7.32
C PRO B 78 -15.40 -14.19 -8.70
N PRO B 79 -15.70 -14.96 -9.75
CA PRO B 79 -15.52 -14.44 -11.12
C PRO B 79 -16.35 -13.19 -11.40
N HIS B 80 -17.56 -13.08 -10.86
CA HIS B 80 -18.36 -11.91 -11.19
C HIS B 80 -17.77 -10.62 -10.63
N ALA B 81 -16.72 -10.67 -9.82
CA ALA B 81 -16.16 -9.47 -9.20
C ALA B 81 -15.08 -8.79 -10.03
N PHE B 82 -14.74 -9.31 -11.22
CA PHE B 82 -13.59 -8.80 -11.97
C PHE B 82 -14.03 -7.89 -13.12
N PHE B 83 -13.42 -6.72 -13.21
CA PHE B 83 -13.75 -5.78 -14.27
C PHE B 83 -12.50 -5.26 -14.96
N LEU B 84 -12.70 -4.78 -16.20
CA LEU B 84 -11.68 -4.08 -16.97
C LEU B 84 -12.20 -2.70 -17.33
N VAL B 85 -11.42 -1.68 -17.03
CA VAL B 85 -11.74 -0.30 -17.38
C VAL B 85 -10.69 0.16 -18.40
N LYS B 86 -11.14 0.56 -19.60
CA LYS B 86 -10.27 1.28 -20.53
C LYS B 86 -10.49 2.77 -20.31
N PHE B 87 -9.41 3.49 -20.01
CA PHE B 87 -9.42 4.93 -19.84
C PHE B 87 -8.80 5.59 -21.07
N TRP B 88 -9.48 6.60 -21.61
CA TRP B 88 -8.84 7.58 -22.46
C TRP B 88 -8.55 8.77 -21.56
N ALA B 89 -7.30 8.90 -21.14
CA ALA B 89 -6.94 9.89 -20.16
C ALA B 89 -6.71 11.26 -20.80
N ASP B 90 -6.99 12.31 -20.04
CA ASP B 90 -6.88 13.70 -20.48
C ASP B 90 -5.58 14.25 -19.91
N LEU B 91 -4.53 14.26 -20.73
CA LEU B 91 -3.20 14.72 -20.34
C LEU B 91 -2.96 16.17 -20.71
N ASN B 92 -4.01 16.96 -20.85
CA ASN B 92 -3.87 18.32 -21.34
C ASN B 92 -4.24 19.29 -20.22
N TRP B 93 -3.23 19.69 -19.44
CA TRP B 93 -3.44 20.63 -18.34
C TRP B 93 -2.28 21.60 -18.16
N SER B 108 4.61 23.90 -13.08
CA SER B 108 3.89 22.71 -12.63
C SER B 108 4.34 22.36 -11.21
N GLY B 109 3.36 22.20 -10.31
CA GLY B 109 3.65 21.98 -8.90
C GLY B 109 2.40 22.07 -8.05
N GLY B 110 1.36 21.34 -8.44
CA GLY B 110 0.10 21.31 -7.73
C GLY B 110 -0.09 20.01 -6.95
N PHE B 111 -1.34 19.72 -6.61
CA PHE B 111 -1.67 18.56 -5.80
C PHE B 111 -2.27 17.49 -6.70
N TYR B 112 -1.63 16.32 -6.71
CA TYR B 112 -2.07 15.18 -7.50
C TYR B 112 -2.74 14.17 -6.58
N GLY B 113 -4.01 13.90 -6.84
CA GLY B 113 -4.82 13.14 -5.89
C GLY B 113 -5.68 12.11 -6.61
N VAL B 114 -6.15 11.15 -5.82
CA VAL B 114 -7.03 10.07 -6.25
C VAL B 114 -8.15 9.94 -5.23
N SER B 115 -9.38 9.84 -5.70
CA SER B 115 -10.53 9.75 -4.81
C SER B 115 -11.41 8.58 -5.21
N SER B 116 -11.76 7.73 -4.24
CA SER B 116 -12.62 6.57 -4.48
C SER B 116 -13.74 6.56 -3.47
N GLN B 117 -14.92 6.14 -3.91
CA GLN B 117 -16.05 5.99 -3.01
C GLN B 117 -16.82 4.75 -3.43
N TYR B 118 -17.16 3.94 -2.43
CA TYR B 118 -17.88 2.70 -2.60
C TYR B 118 -19.09 2.72 -1.67
N GLU B 119 -20.06 1.88 -1.99
CA GLU B 119 -21.25 1.66 -1.17
C GLU B 119 -21.48 0.17 -1.00
N SER B 120 -21.97 -0.22 0.16
CA SER B 120 -22.38 -1.59 0.40
C SER B 120 -23.63 -1.60 1.26
N LEU B 121 -24.24 -2.79 1.32
CA LEU B 121 -25.31 -3.04 2.28
C LEU B 121 -24.79 -3.56 3.61
N GLU B 122 -23.69 -4.32 3.62
CA GLU B 122 -23.15 -4.83 4.86
C GLU B 122 -22.01 -3.95 5.35
N HIS B 123 -21.87 -3.89 6.67
CA HIS B 123 -20.80 -3.13 7.30
C HIS B 123 -19.51 -3.96 7.23
N MET B 124 -18.48 -3.40 6.60
CA MET B 124 -17.20 -4.08 6.47
C MET B 124 -16.09 -3.10 6.74
N THR B 125 -14.88 -3.62 6.89
CA THR B 125 -13.66 -2.84 6.74
C THR B 125 -13.01 -3.28 5.44
N LEU B 126 -12.79 -2.33 4.54
CA LEU B 126 -12.19 -2.62 3.24
C LEU B 126 -10.68 -2.40 3.30
N THR B 127 -9.97 -3.22 2.54
CA THR B 127 -8.57 -2.97 2.18
C THR B 127 -8.52 -2.74 0.67
N CYS B 128 -8.02 -1.59 0.26
CA CYS B 128 -7.87 -1.26 -1.15
CA CYS B 128 -7.86 -1.27 -1.16
C CYS B 128 -6.39 -1.22 -1.49
N SER B 129 -5.96 -2.07 -2.43
CA SER B 129 -4.62 -2.09 -2.97
C SER B 129 -4.67 -1.59 -4.41
N SER B 130 -3.75 -0.70 -4.76
CA SER B 130 -3.59 -0.24 -6.13
C SER B 130 -2.17 -0.56 -6.58
N LYS B 131 -2.04 -1.44 -7.59
CA LYS B 131 -0.74 -1.88 -8.11
C LYS B 131 -0.50 -1.21 -9.45
N VAL B 132 0.46 -0.30 -9.50
CA VAL B 132 0.92 0.27 -10.76
C VAL B 132 1.95 -0.69 -11.37
N CYS B 133 1.81 -0.97 -12.67
CA CYS B 133 2.63 -1.98 -13.34
C CYS B 133 3.15 -1.47 -14.67
N SER B 134 4.38 -1.84 -14.97
CA SER B 134 5.06 -1.44 -16.20
C SER B 134 5.58 -2.70 -16.87
N PHE B 135 5.10 -2.98 -18.09
CA PHE B 135 5.40 -4.25 -18.76
C PHE B 135 4.96 -5.42 -17.88
N GLY B 136 3.81 -5.26 -17.24
CA GLY B 136 3.22 -6.31 -16.43
C GLY B 136 3.93 -6.62 -15.13
N LYS B 137 4.90 -5.80 -14.72
CA LYS B 137 5.58 -5.99 -13.46
C LYS B 137 5.21 -4.87 -12.50
N GLN B 138 4.97 -5.22 -11.24
CA GLN B 138 4.62 -4.20 -10.25
C GLN B 138 5.79 -3.24 -10.08
N VAL B 139 5.49 -1.93 -10.01
CA VAL B 139 6.51 -0.92 -9.79
C VAL B 139 6.28 -0.16 -8.48
N VAL B 140 5.03 0.26 -8.23
CA VAL B 140 4.70 0.86 -6.95
C VAL B 140 3.31 0.37 -6.57
N GLU B 141 3.04 0.33 -5.27
CA GLU B 141 1.76 -0.17 -4.75
C GLU B 141 1.37 0.64 -3.52
N LYS B 142 0.09 0.95 -3.40
CA LYS B 142 -0.44 1.57 -2.19
C LYS B 142 -1.58 0.72 -1.68
N VAL B 143 -1.53 0.42 -0.38
CA VAL B 143 -2.58 -0.33 0.29
C VAL B 143 -3.16 0.58 1.36
N GLU B 144 -4.49 0.57 1.47
CA GLU B 144 -5.22 1.42 2.40
C GLU B 144 -6.43 0.66 2.92
N THR B 145 -6.90 1.02 4.11
CA THR B 145 -8.11 0.44 4.67
C THR B 145 -9.11 1.56 5.00
N GLU B 146 -10.39 1.26 4.81
CA GLU B 146 -11.44 2.23 5.13
C GLU B 146 -12.60 1.49 5.77
N ARG B 147 -13.07 1.99 6.91
CA ARG B 147 -14.20 1.42 7.61
C ARG B 147 -15.51 2.01 7.10
N ALA B 148 -16.55 1.17 7.09
CA ALA B 148 -17.85 1.63 6.65
C ALA B 148 -18.34 2.81 7.48
N GLN B 149 -19.13 3.68 6.87
CA GLN B 149 -19.83 4.75 7.56
CA GLN B 149 -19.84 4.72 7.60
C GLN B 149 -21.31 4.63 7.21
N LEU B 150 -22.16 4.44 8.22
CA LEU B 150 -23.60 4.28 8.04
C LEU B 150 -24.27 5.59 7.66
N GLU B 151 -24.96 5.59 6.52
CA GLU B 151 -25.64 6.78 6.01
C GLU B 151 -26.89 6.36 5.26
N ASP B 152 -28.05 6.70 5.82
CA ASP B 152 -29.33 6.46 5.16
C ASP B 152 -29.49 4.98 4.80
N GLY B 153 -29.31 4.13 5.80
CA GLY B 153 -29.46 2.70 5.62
C GLY B 153 -28.52 2.09 4.59
N ARG B 154 -27.39 2.73 4.32
CA ARG B 154 -26.38 2.22 3.41
C ARG B 154 -25.02 2.59 3.97
N PHE B 155 -24.05 1.71 3.78
CA PHE B 155 -22.70 1.94 4.26
C PHE B 155 -21.85 2.53 3.13
N VAL B 156 -21.20 3.64 3.41
CA VAL B 156 -20.39 4.35 2.43
C VAL B 156 -18.93 4.25 2.85
N TYR B 157 -18.05 4.10 1.88
CA TYR B 157 -16.62 3.98 2.10
C TYR B 157 -15.92 5.09 1.32
N ARG B 158 -15.30 6.03 2.03
CA ARG B 158 -14.70 7.19 1.40
C ARG B 158 -13.19 7.12 1.49
N LEU B 159 -12.53 7.12 0.34
CA LEU B 159 -11.08 7.27 0.28
C LEU B 159 -10.79 8.50 -0.58
N LEU B 160 -10.94 9.69 0.00
CA LEU B 160 -10.85 10.91 -0.77
C LEU B 160 -9.46 11.53 -0.68
N ARG B 161 -8.99 12.06 -1.80
CA ARG B 161 -7.78 12.90 -1.86
C ARG B 161 -6.52 12.16 -1.42
N SER B 162 -6.43 10.85 -1.63
CA SER B 162 -5.14 10.18 -1.45
C SER B 162 -4.12 10.84 -2.36
N PRO B 163 -2.98 11.29 -1.84
CA PRO B 163 -1.89 11.72 -2.73
C PRO B 163 -1.48 10.63 -3.70
N MET B 164 -1.42 10.98 -4.98
CA MET B 164 -0.78 10.13 -6.00
C MET B 164 0.66 9.78 -5.61
N CYS B 165 1.02 8.51 -5.74
CA CYS B 165 2.44 8.11 -5.61
C CYS B 165 3.34 8.97 -6.50
N GLU B 166 4.56 9.20 -6.02
CA GLU B 166 5.51 10.02 -6.76
C GLU B 166 5.87 9.42 -8.12
N TYR B 167 5.82 8.10 -8.25
CA TYR B 167 6.10 7.50 -9.55
C TYR B 167 5.08 7.99 -10.57
N LEU B 168 3.82 7.96 -10.18
CA LEU B 168 2.75 8.30 -11.11
C LEU B 168 2.80 9.79 -11.48
N VAL B 169 3.07 10.67 -10.51
CA VAL B 169 3.16 12.09 -10.84
C VAL B 169 4.27 12.33 -11.86
N ASN B 170 5.46 11.78 -11.60
CA ASN B 170 6.56 11.92 -12.56
C ASN B 170 6.23 11.27 -13.90
N PHE B 171 5.57 10.13 -13.88
CA PHE B 171 5.17 9.50 -15.13
C PHE B 171 4.28 10.42 -15.95
N LEU B 172 3.28 11.02 -15.28
CA LEU B 172 2.37 11.92 -15.97
C LEU B 172 3.14 13.08 -16.55
N HIS B 173 4.09 13.62 -15.79
CA HIS B 173 4.81 14.78 -16.27
C HIS B 173 5.67 14.43 -17.47
N LYS B 174 6.30 13.25 -17.46
CA LYS B 174 7.08 12.83 -18.62
C LYS B 174 6.14 12.53 -19.78
N LEU B 175 5.09 11.76 -19.52
CA LEU B 175 4.16 11.40 -20.57
C LEU B 175 3.66 12.63 -21.32
N ARG B 176 3.27 13.67 -20.59
CA ARG B 176 2.65 14.82 -21.20
C ARG B 176 3.58 15.56 -22.17
N GLN B 177 4.90 15.42 -22.03
CA GLN B 177 5.81 16.17 -22.88
C GLN B 177 6.29 15.38 -24.10
N LEU B 178 5.82 14.15 -24.29
CA LEU B 178 6.17 13.37 -25.47
C LEU B 178 5.69 14.07 -26.73
N PRO B 179 6.47 14.01 -27.82
CA PRO B 179 6.20 14.88 -28.97
C PRO B 179 4.96 14.50 -29.76
N GLU B 180 4.47 13.26 -29.63
CA GLU B 180 3.40 12.76 -30.48
C GLU B 180 2.49 11.89 -29.65
N ARG B 181 1.19 11.96 -29.96
CA ARG B 181 0.19 11.18 -29.25
C ARG B 181 0.35 9.68 -29.49
N TYR B 182 0.76 9.28 -30.68
CA TYR B 182 0.94 7.84 -30.88
C TYR B 182 2.09 7.32 -30.00
N MET B 183 3.07 8.18 -29.69
CA MET B 183 4.14 7.80 -28.78
C MET B 183 3.61 7.63 -27.36
N MET B 184 2.78 8.59 -26.91
CA MET B 184 2.09 8.43 -25.62
C MET B 184 1.30 7.11 -25.60
N ASN B 185 0.56 6.83 -26.66
CA ASN B 185 -0.20 5.58 -26.70
C ASN B 185 0.71 4.35 -26.70
N SER B 186 1.83 4.40 -27.45
CA SER B 186 2.81 3.33 -27.38
C SER B 186 3.31 3.11 -25.95
N VAL B 187 3.71 4.18 -25.27
CA VAL B 187 4.17 4.06 -23.88
C VAL B 187 3.07 3.48 -23.00
N LEU B 188 1.85 4.04 -23.10
CA LEU B 188 0.74 3.59 -22.27
C LEU B 188 0.37 2.14 -22.54
N GLU B 189 0.73 1.61 -23.72
CA GLU B 189 0.45 0.20 -24.01
C GLU B 189 1.03 -0.72 -22.95
N ASN B 190 2.13 -0.33 -22.34
CA ASN B 190 2.83 -1.16 -21.38
C ASN B 190 2.63 -0.68 -19.95
N PHE B 191 1.63 0.14 -19.71
CA PHE B 191 1.39 0.74 -18.41
C PHE B 191 -0.02 0.39 -17.97
N THR B 192 -0.12 -0.23 -16.79
CA THR B 192 -1.44 -0.64 -16.31
C THR B 192 -1.55 -0.47 -14.80
N ILE B 193 -2.78 -0.63 -14.31
CA ILE B 193 -3.09 -0.51 -12.88
C ILE B 193 -4.11 -1.58 -12.52
N LEU B 194 -3.85 -2.26 -11.41
CA LEU B 194 -4.73 -3.29 -10.87
C LEU B 194 -5.17 -2.90 -9.47
N GLN B 195 -6.48 -2.73 -9.26
CA GLN B 195 -7.04 -2.39 -7.96
C GLN B 195 -7.76 -3.62 -7.42
N VAL B 196 -7.44 -4.01 -6.19
CA VAL B 196 -8.10 -5.13 -5.53
C VAL B 196 -8.70 -4.65 -4.22
N VAL B 197 -10.01 -4.81 -4.06
CA VAL B 197 -10.71 -4.46 -2.83
C VAL B 197 -11.11 -5.77 -2.15
N THR B 198 -10.63 -5.98 -0.91
CA THR B 198 -10.99 -7.18 -0.19
C THR B 198 -11.60 -6.79 1.15
N ASN B 199 -12.43 -7.68 1.66
CA ASN B 199 -12.90 -7.61 3.03
C ASN B 199 -11.71 -7.76 3.97
N ARG B 200 -11.36 -6.69 4.68
CA ARG B 200 -10.17 -6.73 5.54
C ARG B 200 -10.27 -7.82 6.59
N ASP B 201 -11.49 -8.12 7.05
CA ASP B 201 -11.65 -9.06 8.15
C ASP B 201 -11.64 -10.51 7.68
N THR B 202 -12.39 -10.81 6.62
CA THR B 202 -12.56 -12.18 6.15
C THR B 202 -11.61 -12.56 5.02
N GLN B 203 -10.98 -11.58 4.39
CA GLN B 203 -10.01 -11.76 3.33
C GLN B 203 -10.67 -12.06 1.99
N GLU B 204 -12.00 -12.05 1.90
CA GLU B 204 -12.64 -12.35 0.64
C GLU B 204 -12.54 -11.16 -0.30
N LEU B 205 -12.36 -11.47 -1.58
CA LEU B 205 -12.29 -10.44 -2.62
C LEU B 205 -13.68 -9.88 -2.89
N LEU B 206 -13.77 -8.56 -2.99
CA LEU B 206 -15.03 -7.90 -3.29
C LEU B 206 -15.07 -7.30 -4.68
N LEU B 207 -13.96 -6.76 -5.17
CA LEU B 207 -13.89 -6.07 -6.46
C LEU B 207 -12.44 -6.10 -6.92
N CYS B 208 -12.22 -6.43 -8.20
CA CYS B 208 -10.90 -6.39 -8.82
C CYS B 208 -11.03 -5.69 -10.16
N THR B 209 -10.32 -4.57 -10.32
CA THR B 209 -10.42 -3.78 -11.53
C THR B 209 -9.05 -3.66 -12.17
N ALA B 210 -8.95 -4.06 -13.44
CA ALA B 210 -7.77 -3.85 -14.26
C ALA B 210 -7.98 -2.60 -15.10
N TYR B 211 -7.02 -1.70 -15.08
CA TYR B 211 -7.11 -0.47 -15.86
C TYR B 211 -6.09 -0.52 -16.98
N VAL B 212 -6.54 -0.24 -18.20
CA VAL B 212 -5.69 -0.07 -19.39
C VAL B 212 -5.95 1.33 -19.94
N PHE B 213 -4.95 1.88 -20.64
CA PHE B 213 -4.93 3.32 -20.88
C PHE B 213 -4.60 3.70 -22.33
N GLU B 214 -5.33 4.71 -22.83
CA GLU B 214 -4.91 5.50 -23.98
C GLU B 214 -4.96 6.97 -23.57
N VAL B 215 -4.38 7.83 -24.38
CA VAL B 215 -4.57 9.26 -24.14
C VAL B 215 -5.75 9.73 -24.98
N SER B 216 -6.42 10.75 -24.47
CA SER B 216 -7.49 11.36 -25.22
C SER B 216 -6.89 12.48 -26.07
N THR B 217 -7.54 12.78 -27.18
CA THR B 217 -7.00 13.80 -28.09
C THR B 217 -7.08 15.21 -27.51
N SER B 218 -7.75 15.40 -26.38
CA SER B 218 -8.03 16.73 -25.84
C SER B 218 -8.68 17.65 -26.89
N GLU B 219 -9.24 18.76 -26.40
CA GLU B 219 -10.57 19.26 -26.74
C GLU B 219 -11.57 18.15 -26.41
N ARG B 220 -11.10 16.91 -26.36
CA ARG B 220 -11.85 15.78 -25.82
C ARG B 220 -11.34 15.47 -24.42
N GLY B 221 -12.23 15.54 -23.44
CA GLY B 221 -11.85 15.23 -22.08
C GLY B 221 -11.64 13.73 -21.91
N ALA B 222 -11.67 13.30 -20.66
CA ALA B 222 -11.47 11.90 -20.33
C ALA B 222 -12.73 11.08 -20.63
N GLN B 223 -12.51 9.85 -21.05
CA GLN B 223 -13.61 8.92 -21.22
C GLN B 223 -13.14 7.56 -20.74
N HIS B 224 -14.09 6.64 -20.61
CA HIS B 224 -13.79 5.32 -20.10
C HIS B 224 -14.82 4.38 -20.67
N HIS B 225 -14.48 3.09 -20.64
CA HIS B 225 -15.36 2.04 -21.08
C HIS B 225 -15.13 0.87 -20.14
N ILE B 226 -16.20 0.38 -19.48
CA ILE B 226 -16.09 -0.68 -18.50
C ILE B 226 -16.53 -2.00 -19.12
N TYR B 227 -15.78 -3.07 -18.85
CA TYR B 227 -16.15 -4.41 -19.29
C TYR B 227 -16.13 -5.36 -18.11
N ARG B 228 -17.00 -6.38 -18.17
CA ARG B 228 -16.85 -7.55 -17.31
C ARG B 228 -15.71 -8.41 -17.81
N LEU B 229 -14.93 -8.97 -16.88
CA LEU B 229 -13.85 -9.90 -17.22
C LEU B 229 -14.35 -11.33 -17.03
N VAL B 230 -14.35 -12.11 -18.12
CA VAL B 230 -14.90 -13.46 -18.11
C VAL B 230 -13.81 -14.45 -18.53
N ARG B 231 -14.08 -15.72 -18.26
CA ARG B 231 -13.18 -16.80 -18.68
C ARG B 231 -14.06 -17.92 -19.22
N ASP B 232 -14.19 -17.99 -20.54
CA ASP B 232 -15.08 -18.95 -21.20
C ASP B 232 -16.54 -18.53 -21.03
#